data_6YXG
#
_entry.id   6YXG
#
_cell.length_a   74.610
_cell.length_b   100.690
_cell.length_c   110.510
_cell.angle_alpha   90.000
_cell.angle_beta   90.000
_cell.angle_gamma   90.000
#
_symmetry.space_group_name_H-M   'P 21 2 21'
#
loop_
_entity.id
_entity.type
_entity.pdbx_description
1 polymer 'Adiponectin receptor protein 2'
2 polymer 'V REGION HEAVY AND LIGHT CHAINS'
3 non-polymer 'ZINC ION'
4 non-polymer 'OLEIC ACID'
5 non-polymer '(2S)-2,3-dihydroxypropyl (9Z)-octadec-9-enoate'
6 non-polymer Tb-Xo4
7 water water
#
loop_
_entity_poly.entity_id
_entity_poly.type
_entity_poly.pdbx_seq_one_letter_code
_entity_poly.pdbx_strand_id
1 'polypeptide(L)'
;GGSEFEGRWRVIPHDVLPDWLKDNDFLLHGHRPPMPSFRACFKSIFRIHTETGNIWTHLLGCVFFLCLGIFYMFRPNISF
VAPLQEKVVFGLFFLGAILCLSFSWLFHTVYCHSEGVSRLFSKLDYSGIALLIMGSFVPWLYYSFYCNPQPCFIYLIVIC
VLGIAAIIVSQWDMFATPQYRGVRAGVFLGLGLSGIIPTLHYVISEGFLKAATIGQIGWLMLMASLYITGAALYAARIPE
RFFPGKCDIWFHSHQLFHIFVVAGAFVHFHGVSNLQEFRFMIGGGCSEEDAL
;
A
2 'polypeptide(L)'
;EVLLQQSGPELVKPGASVRITCKASGYTFTDFNMDWVKQSPGKSLEWIGDFNPNSGGSIYNQKFKDKATFTVDKSSSTAY
MELRSLTFEDTAVYYCARETGTAWFAYWGQGTLVTVSAAGGGGSGGGGSDIQMTQSPASLSASVGETVTITCRASGNIHN
FLAWYQQKQGKSPQVLVYNAKTLADGVPSRFSGSGSGTQYSLKINSLQPEDFGSYYCQQFWSTPYTFGGGTKLEIN
;
H
#
# COMPACT_ATOMS: atom_id res chain seq x y z
N GLU A 4 19.47 3.13 -1.27
CA GLU A 4 19.15 1.72 -1.58
C GLU A 4 18.71 1.49 -3.03
N PHE A 5 19.08 0.34 -3.60
CA PHE A 5 18.65 -0.03 -4.94
C PHE A 5 17.68 -1.20 -4.99
N GLU A 6 17.19 -1.62 -3.82
CA GLU A 6 16.22 -2.69 -3.67
C GLU A 6 14.88 -2.07 -3.35
N GLY A 7 13.82 -2.65 -3.91
CA GLY A 7 12.46 -2.19 -3.71
C GLY A 7 12.23 -0.70 -3.91
N ARG A 8 12.75 -0.14 -5.02
CA ARG A 8 12.61 1.27 -5.42
C ARG A 8 11.15 1.49 -5.89
N TRP A 9 10.54 2.64 -5.55
CA TRP A 9 9.17 2.93 -5.98
C TRP A 9 8.92 4.41 -6.06
N ARG A 10 7.93 4.83 -6.86
CA ARG A 10 7.54 6.24 -6.95
C ARG A 10 6.04 6.50 -6.57
N VAL A 11 5.75 7.70 -5.99
CA VAL A 11 4.36 8.02 -5.63
C VAL A 11 3.53 8.13 -6.90
N ILE A 12 2.35 7.54 -6.90
CA ILE A 12 1.50 7.58 -8.08
C ILE A 12 0.17 8.39 -7.85
N PRO A 13 -0.35 8.99 -8.93
CA PRO A 13 -1.63 9.68 -8.82
C PRO A 13 -2.81 8.69 -8.61
N HIS A 14 -3.94 9.17 -8.07
CA HIS A 14 -5.10 8.35 -7.68
C HIS A 14 -5.60 7.38 -8.75
N ASP A 15 -5.84 7.89 -9.97
CA ASP A 15 -6.40 7.20 -11.13
C ASP A 15 -5.75 5.89 -11.51
N VAL A 16 -4.44 5.75 -11.29
CA VAL A 16 -3.75 4.53 -11.67
C VAL A 16 -3.54 3.56 -10.54
N LEU A 17 -4.37 3.63 -9.49
CA LEU A 17 -4.38 2.68 -8.38
C LEU A 17 -5.32 1.58 -8.77
N PRO A 18 -5.10 0.35 -8.29
CA PRO A 18 -6.09 -0.70 -8.55
C PRO A 18 -7.28 -0.39 -7.64
N ASP A 19 -8.46 -0.91 -8.02
CA ASP A 19 -9.70 -0.63 -7.32
C ASP A 19 -9.60 -0.80 -5.79
N TRP A 20 -8.97 -1.89 -5.34
CA TRP A 20 -8.82 -2.16 -3.92
C TRP A 20 -7.99 -1.11 -3.15
N LEU A 21 -7.15 -0.35 -3.83
CA LEU A 21 -6.37 0.71 -3.18
C LEU A 21 -7.03 2.08 -3.32
N LYS A 22 -7.94 2.25 -4.32
CA LYS A 22 -8.68 3.48 -4.56
C LYS A 22 -9.62 3.68 -3.41
N ASP A 23 -9.16 4.45 -2.42
CA ASP A 23 -9.98 4.65 -1.22
C ASP A 23 -10.73 6.01 -1.19
N ASN A 24 -10.00 7.13 -1.19
CA ASN A 24 -10.55 8.46 -1.06
C ASN A 24 -10.11 9.20 -2.29
N ASP A 25 -11.06 9.54 -3.17
CA ASP A 25 -10.70 10.19 -4.44
C ASP A 25 -10.39 11.67 -4.31
N PHE A 26 -10.22 12.17 -3.10
CA PHE A 26 -9.82 13.57 -2.87
C PHE A 26 -8.31 13.72 -2.69
N LEU A 27 -7.64 12.58 -2.34
CA LEU A 27 -6.20 12.43 -2.23
C LEU A 27 -5.81 12.00 -3.64
N LEU A 28 -5.47 12.99 -4.44
CA LEU A 28 -5.22 12.87 -5.86
C LEU A 28 -3.85 12.33 -6.26
N HIS A 29 -2.86 12.38 -5.39
CA HIS A 29 -1.50 11.92 -5.72
C HIS A 29 -0.80 11.44 -4.42
N GLY A 30 0.51 11.16 -4.47
CA GLY A 30 1.27 10.74 -3.30
C GLY A 30 0.93 9.34 -2.85
N HIS A 31 0.31 8.53 -3.73
CA HIS A 31 -0.05 7.17 -3.37
C HIS A 31 1.08 6.18 -3.56
N ARG A 32 1.36 5.34 -2.56
CA ARG A 32 2.34 4.26 -2.74
C ARG A 32 1.69 3.24 -3.70
N PRO A 33 2.43 2.76 -4.69
CA PRO A 33 1.84 1.77 -5.63
C PRO A 33 1.72 0.38 -5.03
N PRO A 34 0.95 -0.57 -5.58
CA PRO A 34 0.96 -1.94 -5.03
C PRO A 34 2.37 -2.55 -5.03
N MET A 35 2.86 -2.93 -3.86
CA MET A 35 4.17 -3.53 -3.70
C MET A 35 3.95 -4.77 -2.88
N PRO A 36 3.98 -5.98 -3.46
CA PRO A 36 3.79 -7.19 -2.65
C PRO A 36 5.05 -7.59 -1.92
N SER A 37 5.63 -6.63 -1.19
CA SER A 37 6.82 -6.82 -0.38
C SER A 37 6.62 -6.15 1.00
N PHE A 38 6.54 -6.96 2.08
CA PHE A 38 6.47 -6.40 3.43
C PHE A 38 7.75 -5.61 3.73
N ARG A 39 8.90 -6.08 3.20
CA ARG A 39 10.21 -5.41 3.28
C ARG A 39 10.08 -3.92 2.82
N ALA A 40 9.49 -3.73 1.64
CA ALA A 40 9.26 -2.44 1.03
C ALA A 40 8.20 -1.65 1.76
N CYS A 41 7.07 -2.30 2.17
CA CYS A 41 5.95 -1.67 2.90
C CYS A 41 6.47 -1.03 4.18
N PHE A 42 7.15 -1.81 5.04
CA PHE A 42 7.73 -1.32 6.29
C PHE A 42 8.86 -0.32 6.07
N LYS A 43 9.60 -0.42 4.93
CA LYS A 43 10.63 0.57 4.63
C LYS A 43 9.96 1.92 4.31
N SER A 44 8.77 1.87 3.63
CA SER A 44 7.94 3.02 3.26
C SER A 44 7.46 3.84 4.44
N ILE A 45 7.57 3.33 5.69
CA ILE A 45 7.31 4.09 6.91
C ILE A 45 8.27 5.32 6.94
N PHE A 46 9.44 5.21 6.30
CA PHE A 46 10.38 6.31 6.25
C PHE A 46 10.27 7.08 4.93
N ARG A 47 9.06 7.17 4.38
CA ARG A 47 8.85 7.87 3.13
C ARG A 47 7.61 8.77 3.19
N ILE A 48 7.65 9.87 2.40
CA ILE A 48 6.53 10.81 2.35
C ILE A 48 5.54 10.26 1.33
N HIS A 49 4.26 10.12 1.71
CA HIS A 49 3.15 9.58 0.91
C HIS A 49 1.84 9.77 1.72
N THR A 50 0.69 9.54 1.11
CA THR A 50 -0.62 9.71 1.73
C THR A 50 -0.74 9.04 3.13
N GLU A 51 -0.31 7.77 3.21
CA GLU A 51 -0.40 6.99 4.43
C GLU A 51 0.63 7.32 5.52
N THR A 52 1.66 8.18 5.23
CA THR A 52 2.76 8.50 6.18
C THR A 52 2.27 8.96 7.57
N GLY A 53 1.46 10.02 7.58
CA GLY A 53 0.89 10.57 8.82
C GLY A 53 0.08 9.57 9.61
N ASN A 54 -0.89 8.87 8.95
CA ASN A 54 -1.75 7.81 9.52
C ASN A 54 -0.90 6.78 10.25
N ILE A 55 0.19 6.31 9.59
CA ILE A 55 1.13 5.37 10.18
C ILE A 55 1.77 5.93 11.46
N TRP A 56 2.54 7.04 11.39
CA TRP A 56 3.25 7.61 12.55
C TRP A 56 2.38 8.07 13.71
N THR A 57 1.12 8.51 13.45
CA THR A 57 0.22 8.95 14.51
C THR A 57 -0.12 7.74 15.36
N HIS A 58 -0.53 6.65 14.73
CA HIS A 58 -0.92 5.46 15.45
C HIS A 58 0.26 4.58 15.80
N LEU A 59 1.47 4.84 15.26
CA LEU A 59 2.68 4.10 15.66
C LEU A 59 3.19 4.73 16.95
N LEU A 60 3.33 6.07 17.01
CA LEU A 60 3.76 6.73 18.23
C LEU A 60 2.72 6.65 19.33
N GLY A 61 1.46 6.68 18.96
CA GLY A 61 0.37 6.57 19.93
C GLY A 61 0.38 5.20 20.59
N CYS A 62 0.80 4.15 19.84
CA CYS A 62 0.84 2.77 20.28
C CYS A 62 1.99 2.58 21.30
N VAL A 63 3.22 3.06 20.96
CA VAL A 63 4.37 3.00 21.88
C VAL A 63 4.04 3.75 23.17
N PHE A 64 3.33 4.89 23.06
CA PHE A 64 2.93 5.70 24.20
C PHE A 64 1.92 4.99 25.12
N PHE A 65 0.93 4.28 24.58
CA PHE A 65 -0.04 3.56 25.41
C PHE A 65 0.58 2.27 25.99
N LEU A 66 1.57 1.68 25.29
CA LEU A 66 2.30 0.53 25.83
C LEU A 66 3.15 1.01 27.04
N CYS A 67 3.77 2.20 26.89
CA CYS A 67 4.53 2.93 27.88
C CYS A 67 3.70 3.40 29.04
N LEU A 68 2.52 3.93 28.75
CA LEU A 68 1.63 4.42 29.78
C LEU A 68 1.01 3.26 30.55
N GLY A 69 0.64 2.19 29.86
CA GLY A 69 0.05 1.02 30.49
C GLY A 69 0.99 0.21 31.35
N ILE A 70 2.27 0.19 30.99
CA ILE A 70 3.27 -0.53 31.77
C ILE A 70 3.47 0.22 33.08
N PHE A 71 3.63 1.55 33.02
CA PHE A 71 3.80 2.37 34.23
C PHE A 71 2.60 2.27 35.18
N TYR A 72 1.42 1.92 34.66
CA TYR A 72 0.22 1.78 35.46
C TYR A 72 0.28 0.48 36.22
N MET A 73 0.70 -0.60 35.58
CA MET A 73 0.84 -1.92 36.23
C MET A 73 1.75 -1.84 37.48
N PHE A 74 2.83 -1.07 37.39
CA PHE A 74 3.84 -0.93 38.45
C PHE A 74 3.60 0.24 39.41
N ARG A 75 2.34 0.66 39.52
CA ARG A 75 1.93 1.70 40.44
C ARG A 75 1.84 1.05 41.82
N PRO A 76 2.27 1.77 42.87
CA PRO A 76 2.21 1.17 44.23
C PRO A 76 0.80 0.73 44.57
N ASN A 77 0.66 -0.43 45.20
CA ASN A 77 -0.68 -0.92 45.53
C ASN A 77 -1.37 -0.05 46.62
N ILE A 78 -0.62 0.83 47.32
CA ILE A 78 -1.21 1.73 48.30
C ILE A 78 -2.10 2.79 47.64
N SER A 79 -1.82 3.14 46.36
CA SER A 79 -2.58 4.09 45.54
C SER A 79 -4.01 3.63 45.33
N PHE A 80 -4.24 2.32 45.37
CA PHE A 80 -5.51 1.72 45.04
C PHE A 80 -6.32 1.34 46.26
N VAL A 81 -7.57 0.98 46.02
CA VAL A 81 -8.49 0.52 47.02
C VAL A 81 -8.42 -1.02 46.95
N ALA A 82 -8.53 -1.62 45.73
CA ALA A 82 -8.40 -3.06 45.48
C ALA A 82 -7.47 -3.18 44.27
N PRO A 83 -6.15 -3.01 44.48
CA PRO A 83 -5.20 -2.95 43.34
C PRO A 83 -5.30 -3.98 42.21
N LEU A 84 -5.55 -5.26 42.51
CA LEU A 84 -5.64 -6.28 41.48
C LEU A 84 -6.86 -6.06 40.57
N GLN A 85 -8.07 -5.94 41.17
CA GLN A 85 -9.35 -5.72 40.50
C GLN A 85 -9.24 -4.44 39.64
N GLU A 86 -8.93 -3.28 40.29
CA GLU A 86 -8.66 -1.94 39.71
C GLU A 86 -7.68 -2.02 38.48
N LYS A 87 -6.58 -2.77 38.63
CA LYS A 87 -5.60 -2.94 37.57
C LYS A 87 -6.13 -3.82 36.46
N VAL A 88 -6.96 -4.84 36.75
CA VAL A 88 -7.53 -5.68 35.69
C VAL A 88 -8.48 -4.83 34.80
N VAL A 89 -9.22 -3.90 35.44
CA VAL A 89 -10.11 -3.04 34.69
C VAL A 89 -9.31 -2.06 33.82
N PHE A 90 -8.31 -1.35 34.38
CA PHE A 90 -7.49 -0.45 33.55
C PHE A 90 -6.70 -1.21 32.52
N GLY A 91 -6.26 -2.40 32.85
CA GLY A 91 -5.51 -3.25 31.95
C GLY A 91 -6.31 -3.58 30.72
N LEU A 92 -7.62 -3.85 30.89
CA LEU A 92 -8.48 -4.12 29.74
C LEU A 92 -8.67 -2.87 28.86
N PHE A 93 -8.56 -1.67 29.44
CA PHE A 93 -8.60 -0.41 28.72
C PHE A 93 -7.27 -0.28 27.94
N PHE A 94 -6.13 -0.38 28.62
CA PHE A 94 -4.83 -0.33 27.97
C PHE A 94 -4.64 -1.38 26.85
N LEU A 95 -5.00 -2.65 27.09
CA LEU A 95 -4.90 -3.74 26.10
C LEU A 95 -5.71 -3.39 24.88
N GLY A 96 -6.94 -2.90 25.11
CA GLY A 96 -7.86 -2.45 24.07
C GLY A 96 -7.28 -1.32 23.24
N ALA A 97 -6.73 -0.27 23.91
CA ALA A 97 -6.10 0.92 23.32
C ALA A 97 -4.89 0.57 22.47
N ILE A 98 -4.01 -0.30 22.99
CA ILE A 98 -2.82 -0.79 22.36
C ILE A 98 -3.16 -1.63 21.16
N LEU A 99 -4.10 -2.59 21.28
CA LEU A 99 -4.51 -3.43 20.15
C LEU A 99 -5.10 -2.62 19.02
N CYS A 100 -5.96 -1.64 19.32
CA CYS A 100 -6.58 -0.73 18.34
C CYS A 100 -5.52 -0.02 17.53
N LEU A 101 -4.49 0.53 18.19
CA LEU A 101 -3.47 1.27 17.46
C LEU A 101 -2.49 0.38 16.74
N SER A 102 -2.16 -0.82 17.30
CA SER A 102 -1.21 -1.73 16.67
C SER A 102 -1.81 -2.24 15.38
N PHE A 103 -3.12 -2.65 15.43
CA PHE A 103 -3.83 -3.09 14.25
C PHE A 103 -3.88 -2.00 13.23
N SER A 104 -4.14 -0.75 13.68
CA SER A 104 -4.17 0.45 12.84
C SER A 104 -2.85 0.71 12.10
N TRP A 105 -1.75 0.99 12.83
CA TRP A 105 -0.49 1.34 12.18
C TRP A 105 0.06 0.15 11.34
N LEU A 106 -0.23 -1.10 11.76
CA LEU A 106 0.24 -2.24 10.96
C LEU A 106 -0.53 -2.31 9.66
N PHE A 107 -1.84 -2.21 9.73
CA PHE A 107 -2.69 -2.14 8.54
C PHE A 107 -2.26 -0.99 7.64
N HIS A 108 -2.16 0.25 8.18
CA HIS A 108 -1.80 1.43 7.37
C HIS A 108 -0.46 1.31 6.66
N THR A 109 0.49 0.58 7.26
CA THR A 109 1.83 0.30 6.73
C THR A 109 1.75 -0.73 5.62
N VAL A 110 1.15 -1.88 5.88
CA VAL A 110 1.09 -2.96 4.90
C VAL A 110 -0.10 -2.85 3.93
N TYR A 111 -0.86 -1.76 3.98
CA TYR A 111 -2.07 -1.52 3.17
C TYR A 111 -1.87 -1.81 1.64
N CYS A 112 -0.81 -1.28 1.05
CA CYS A 112 -0.53 -1.38 -0.39
C CYS A 112 0.07 -2.68 -0.87
N HIS A 113 0.26 -3.65 0.02
CA HIS A 113 0.90 -4.92 -0.31
C HIS A 113 0.17 -5.79 -1.36
N SER A 114 -1.05 -6.14 -1.11
CA SER A 114 -1.85 -6.95 -2.02
C SER A 114 -3.32 -6.85 -1.60
N GLU A 115 -4.25 -7.22 -2.49
CA GLU A 115 -5.67 -7.18 -2.18
C GLU A 115 -5.99 -8.05 -0.95
N GLY A 116 -5.37 -9.23 -0.91
CA GLY A 116 -5.51 -10.21 0.17
C GLY A 116 -5.09 -9.67 1.52
N VAL A 117 -3.89 -9.07 1.56
CA VAL A 117 -3.33 -8.46 2.76
C VAL A 117 -4.18 -7.28 3.20
N SER A 118 -4.47 -6.34 2.26
CA SER A 118 -5.31 -5.16 2.55
C SER A 118 -6.65 -5.60 3.23
N ARG A 119 -7.27 -6.63 2.65
CA ARG A 119 -8.49 -7.25 3.14
C ARG A 119 -8.29 -7.82 4.57
N LEU A 120 -7.25 -8.64 4.79
CA LEU A 120 -6.98 -9.19 6.12
C LEU A 120 -6.78 -8.10 7.19
N PHE A 121 -5.90 -7.13 6.91
CA PHE A 121 -5.54 -6.10 7.86
C PHE A 121 -6.62 -5.05 8.09
N SER A 122 -7.50 -4.76 7.10
CA SER A 122 -8.57 -3.79 7.33
C SER A 122 -9.55 -4.39 8.36
N LYS A 123 -9.80 -5.72 8.28
CA LYS A 123 -10.67 -6.43 9.21
C LYS A 123 -10.09 -6.39 10.64
N LEU A 124 -8.76 -6.34 10.77
CA LEU A 124 -8.12 -6.15 12.05
C LEU A 124 -8.23 -4.65 12.45
N ASP A 125 -8.21 -3.71 11.45
CA ASP A 125 -8.31 -2.28 11.75
C ASP A 125 -9.64 -1.96 12.41
N TYR A 126 -10.77 -2.25 11.70
CA TYR A 126 -12.15 -1.97 12.16
C TYR A 126 -12.42 -2.61 13.46
N SER A 127 -12.02 -3.88 13.60
CA SER A 127 -12.22 -4.64 14.82
C SER A 127 -11.51 -3.99 15.98
N GLY A 128 -10.30 -3.53 15.75
CA GLY A 128 -9.53 -2.80 16.75
C GLY A 128 -10.22 -1.57 17.31
N ILE A 129 -11.07 -0.89 16.52
CA ILE A 129 -11.79 0.28 17.00
C ILE A 129 -12.79 -0.19 18.05
N ALA A 130 -13.56 -1.26 17.73
CA ALA A 130 -14.56 -1.81 18.65
C ALA A 130 -13.89 -2.21 19.96
N LEU A 131 -12.70 -2.81 19.89
CA LEU A 131 -11.93 -3.19 21.06
C LEU A 131 -11.58 -1.99 21.92
N LEU A 132 -11.17 -0.84 21.29
CA LEU A 132 -10.89 0.40 22.00
C LEU A 132 -12.12 0.88 22.72
N ILE A 133 -13.28 0.81 22.09
CA ILE A 133 -14.54 1.22 22.74
C ILE A 133 -14.96 0.27 23.88
N MET A 134 -14.88 -1.07 23.65
CA MET A 134 -15.25 -2.07 24.66
C MET A 134 -14.39 -1.94 25.91
N GLY A 135 -13.10 -1.74 25.71
CA GLY A 135 -12.13 -1.62 26.80
C GLY A 135 -12.22 -0.33 27.57
N SER A 136 -12.58 0.76 26.90
CA SER A 136 -12.76 2.06 27.56
C SER A 136 -14.01 2.03 28.50
N PHE A 137 -14.99 1.18 28.20
CA PHE A 137 -16.18 1.04 29.03
C PHE A 137 -15.88 0.29 30.32
N VAL A 138 -14.94 -0.66 30.31
CA VAL A 138 -14.66 -1.48 31.47
C VAL A 138 -14.27 -0.63 32.70
N PRO A 139 -13.17 0.16 32.79
CA PRO A 139 -12.94 0.96 34.01
C PRO A 139 -14.04 1.99 34.30
N TRP A 140 -14.73 2.48 33.27
CA TRP A 140 -15.80 3.46 33.41
C TRP A 140 -16.99 2.94 34.14
N LEU A 141 -17.59 1.80 33.70
CA LEU A 141 -18.71 1.18 34.42
C LEU A 141 -18.25 0.76 35.84
N TYR A 142 -17.00 0.32 35.96
CA TYR A 142 -16.45 -0.11 37.25
C TYR A 142 -16.53 0.97 38.30
N TYR A 143 -16.12 2.20 37.99
CA TYR A 143 -16.21 3.26 38.97
C TYR A 143 -17.61 3.87 39.05
N SER A 144 -18.27 4.07 37.90
CA SER A 144 -19.62 4.66 37.88
C SER A 144 -20.69 3.77 38.51
N PHE A 145 -20.44 2.46 38.56
CA PHE A 145 -21.37 1.53 39.15
C PHE A 145 -20.70 0.73 40.27
N TYR A 146 -19.81 1.41 41.04
CA TYR A 146 -19.04 0.85 42.14
C TYR A 146 -19.93 0.17 43.16
N CYS A 147 -20.89 0.91 43.75
CA CYS A 147 -21.75 0.31 44.77
C CYS A 147 -23.04 -0.33 44.21
N ASN A 148 -23.26 -0.28 42.89
CA ASN A 148 -24.43 -0.91 42.30
C ASN A 148 -23.96 -1.97 41.30
N PRO A 149 -24.01 -3.25 41.71
CA PRO A 149 -23.40 -4.31 40.90
C PRO A 149 -24.24 -4.96 39.80
N GLN A 150 -25.58 -4.98 39.92
CA GLN A 150 -26.40 -5.57 38.85
C GLN A 150 -26.32 -4.76 37.54
N PRO A 151 -26.44 -3.41 37.57
CA PRO A 151 -26.36 -2.66 36.33
C PRO A 151 -25.00 -2.78 35.69
N CYS A 152 -23.88 -2.65 36.45
CA CYS A 152 -22.50 -2.79 35.95
C CYS A 152 -22.29 -4.08 35.16
N PHE A 153 -22.81 -5.19 35.68
CA PHE A 153 -22.77 -6.46 34.99
C PHE A 153 -23.57 -6.37 33.69
N ILE A 154 -24.85 -5.96 33.75
CA ILE A 154 -25.69 -5.79 32.56
C ILE A 154 -25.01 -4.98 31.46
N TYR A 155 -24.58 -3.74 31.77
CA TYR A 155 -23.91 -2.82 30.87
C TYR A 155 -22.61 -3.35 30.32
N LEU A 156 -21.91 -4.24 31.03
CA LEU A 156 -20.70 -4.85 30.48
C LEU A 156 -21.12 -5.80 29.37
N ILE A 157 -22.19 -6.60 29.61
CA ILE A 157 -22.74 -7.53 28.62
C ILE A 157 -23.27 -6.79 27.39
N VAL A 158 -23.97 -5.66 27.61
CA VAL A 158 -24.52 -4.83 26.53
C VAL A 158 -23.39 -4.34 25.61
N ILE A 159 -22.33 -3.75 26.20
CA ILE A 159 -21.22 -3.24 25.39
C ILE A 159 -20.50 -4.43 24.71
N CYS A 160 -20.40 -5.59 25.37
CA CYS A 160 -19.78 -6.76 24.78
C CYS A 160 -20.59 -7.31 23.63
N VAL A 161 -21.92 -7.29 23.73
CA VAL A 161 -22.76 -7.81 22.67
C VAL A 161 -22.69 -6.88 21.48
N LEU A 162 -22.94 -5.58 21.68
CA LEU A 162 -22.84 -4.57 20.61
C LEU A 162 -21.44 -4.59 19.97
N GLY A 163 -20.39 -4.65 20.78
CA GLY A 163 -19.01 -4.73 20.34
C GLY A 163 -18.73 -5.96 19.50
N ILE A 164 -19.21 -7.13 19.93
CA ILE A 164 -19.02 -8.36 19.18
C ILE A 164 -19.85 -8.31 17.87
N ALA A 165 -21.03 -7.65 17.89
CA ALA A 165 -21.81 -7.48 16.65
C ALA A 165 -21.02 -6.61 15.66
N ALA A 166 -20.45 -5.50 16.14
CA ALA A 166 -19.65 -4.58 15.33
C ALA A 166 -18.46 -5.30 14.74
N ILE A 167 -17.80 -6.15 15.56
CA ILE A 167 -16.65 -6.91 15.07
C ILE A 167 -17.10 -7.90 13.99
N ILE A 168 -18.30 -8.50 14.11
CA ILE A 168 -18.80 -9.38 13.05
C ILE A 168 -19.11 -8.59 11.78
N VAL A 169 -19.71 -7.40 11.91
CA VAL A 169 -20.06 -6.52 10.79
C VAL A 169 -18.77 -5.99 10.06
N SER A 170 -17.66 -5.87 10.80
CA SER A 170 -16.39 -5.46 10.23
C SER A 170 -15.84 -6.52 9.28
N GLN A 171 -16.23 -7.80 9.45
CA GLN A 171 -15.75 -8.89 8.60
C GLN A 171 -16.45 -8.97 7.25
N TRP A 172 -17.59 -8.30 7.10
CA TRP A 172 -18.37 -8.22 5.88
C TRP A 172 -17.55 -7.39 4.86
N ASP A 173 -17.24 -8.00 3.69
CA ASP A 173 -16.43 -7.37 2.63
C ASP A 173 -17.06 -6.07 2.10
N MET A 174 -18.37 -6.02 2.00
CA MET A 174 -19.04 -4.81 1.51
C MET A 174 -18.96 -3.64 2.51
N PHE A 175 -18.66 -3.90 3.78
CA PHE A 175 -18.53 -2.87 4.83
C PHE A 175 -17.28 -1.97 4.60
N ALA A 176 -16.23 -2.56 4.00
CA ALA A 176 -14.96 -1.89 3.75
C ALA A 176 -14.91 -1.16 2.40
N THR A 177 -16.06 -0.88 1.78
CA THR A 177 -16.09 -0.18 0.51
C THR A 177 -16.30 1.33 0.77
N PRO A 178 -15.92 2.22 -0.17
CA PRO A 178 -16.07 3.67 0.07
C PRO A 178 -17.52 4.14 0.15
N GLN A 179 -18.43 3.36 -0.42
CA GLN A 179 -19.86 3.67 -0.41
C GLN A 179 -20.45 3.46 0.99
N TYR A 180 -19.86 2.53 1.78
CA TYR A 180 -20.25 2.21 3.14
C TYR A 180 -19.51 2.99 4.20
N ARG A 181 -18.62 3.92 3.84
CA ARG A 181 -17.85 4.79 4.75
C ARG A 181 -18.71 5.46 5.83
N GLY A 182 -19.93 5.81 5.48
CA GLY A 182 -20.88 6.40 6.42
C GLY A 182 -21.45 5.37 7.37
N VAL A 183 -21.82 4.19 6.86
CA VAL A 183 -22.31 3.04 7.66
C VAL A 183 -21.28 2.71 8.76
N ARG A 184 -19.98 2.76 8.42
CA ARG A 184 -18.91 2.56 9.37
C ARG A 184 -18.96 3.62 10.48
N ALA A 185 -18.95 4.90 10.10
CA ALA A 185 -19.01 5.99 11.06
C ALA A 185 -20.24 5.94 11.95
N GLY A 186 -21.33 5.38 11.47
CA GLY A 186 -22.53 5.21 12.28
C GLY A 186 -22.39 4.03 13.23
N VAL A 187 -21.78 2.93 12.76
CA VAL A 187 -21.61 1.73 13.57
C VAL A 187 -20.66 1.98 14.70
N PHE A 188 -19.57 2.72 14.45
CA PHE A 188 -18.62 2.98 15.52
C PHE A 188 -19.07 4.16 16.35
N LEU A 189 -19.81 5.11 15.76
CA LEU A 189 -20.38 6.21 16.57
C LEU A 189 -21.49 5.76 17.51
N GLY A 190 -22.35 4.86 17.05
CA GLY A 190 -23.42 4.32 17.86
C GLY A 190 -22.86 3.48 18.99
N LEU A 191 -21.80 2.72 18.71
CA LEU A 191 -21.15 1.88 19.71
C LEU A 191 -20.66 2.74 20.90
N GLY A 192 -20.04 3.88 20.58
CA GLY A 192 -19.53 4.81 21.58
C GLY A 192 -20.64 5.55 22.28
N LEU A 193 -21.48 6.23 21.50
CA LEU A 193 -22.61 6.97 22.04
C LEU A 193 -23.62 6.09 22.78
N SER A 194 -23.50 4.74 22.68
CA SER A 194 -24.41 3.88 23.44
C SER A 194 -24.21 4.02 24.96
N GLY A 195 -23.06 4.58 25.39
CA GLY A 195 -22.79 4.89 26.78
C GLY A 195 -23.83 5.81 27.39
N ILE A 196 -24.58 6.55 26.53
CA ILE A 196 -25.69 7.39 26.93
C ILE A 196 -26.74 6.57 27.71
N ILE A 197 -26.89 5.24 27.39
CA ILE A 197 -27.78 4.35 28.13
C ILE A 197 -27.38 4.33 29.60
N PRO A 198 -26.20 3.80 29.98
CA PRO A 198 -25.82 3.84 31.40
C PRO A 198 -25.53 5.24 31.96
N THR A 199 -25.36 6.27 31.11
CA THR A 199 -25.17 7.64 31.61
C THR A 199 -26.49 8.06 32.19
N LEU A 200 -27.61 7.89 31.42
CA LEU A 200 -28.96 8.22 31.87
C LEU A 200 -29.28 7.48 33.17
N HIS A 201 -29.05 6.17 33.22
CA HIS A 201 -29.28 5.30 34.36
C HIS A 201 -28.52 5.78 35.62
N TYR A 202 -27.32 6.31 35.42
CA TYR A 202 -26.51 6.81 36.50
C TYR A 202 -27.06 8.13 36.98
N VAL A 203 -27.37 9.10 36.10
CA VAL A 203 -27.97 10.40 36.53
C VAL A 203 -29.33 10.22 37.24
N ILE A 204 -30.14 9.25 36.77
CA ILE A 204 -31.41 8.91 37.37
C ILE A 204 -31.21 8.53 38.83
N SER A 205 -30.23 7.66 39.09
CA SER A 205 -29.97 7.20 40.43
C SER A 205 -29.17 8.14 41.33
N GLU A 206 -28.07 8.71 40.85
CA GLU A 206 -27.25 9.58 41.70
C GLU A 206 -27.70 11.04 41.77
N GLY A 207 -28.28 11.58 40.69
CA GLY A 207 -28.74 12.97 40.70
C GLY A 207 -27.93 13.97 39.91
N PHE A 208 -28.55 15.11 39.55
CA PHE A 208 -27.88 16.18 38.78
C PHE A 208 -26.81 16.94 39.58
N LEU A 209 -26.74 16.74 40.91
CA LEU A 209 -25.72 17.36 41.72
C LEU A 209 -24.53 16.39 41.73
N LYS A 210 -24.72 15.17 42.28
CA LYS A 210 -23.70 14.12 42.33
C LYS A 210 -22.97 13.91 40.98
N ALA A 211 -23.70 13.84 39.86
CA ALA A 211 -23.12 13.59 38.54
C ALA A 211 -22.18 14.66 38.00
N ALA A 212 -22.56 15.95 38.10
CA ALA A 212 -21.73 17.03 37.55
C ALA A 212 -20.70 17.55 38.55
N THR A 213 -20.96 17.40 39.88
CA THR A 213 -20.01 17.79 40.95
C THR A 213 -18.77 16.91 40.75
N ILE A 214 -18.97 15.57 40.72
CA ILE A 214 -17.92 14.62 40.37
C ILE A 214 -17.93 14.74 38.84
N GLY A 215 -16.97 15.53 38.33
CA GLY A 215 -16.79 15.98 36.95
C GLY A 215 -17.20 15.21 35.71
N GLN A 216 -17.79 14.01 35.87
CA GLN A 216 -18.24 13.13 34.81
C GLN A 216 -19.14 13.75 33.77
N ILE A 217 -19.90 14.81 34.07
CA ILE A 217 -20.82 15.41 33.08
C ILE A 217 -20.04 16.26 32.07
N GLY A 218 -19.11 17.08 32.55
CA GLY A 218 -18.29 17.89 31.67
C GLY A 218 -17.36 17.02 30.84
N TRP A 219 -16.76 16.03 31.49
CA TRP A 219 -15.88 15.08 30.84
C TRP A 219 -16.64 14.27 29.78
N LEU A 220 -17.76 13.60 30.16
CA LEU A 220 -18.57 12.84 29.19
C LEU A 220 -19.00 13.67 27.97
N MET A 221 -19.30 14.95 28.18
CA MET A 221 -19.73 15.83 27.11
C MET A 221 -18.58 16.03 26.13
N LEU A 222 -17.37 16.38 26.65
CA LEU A 222 -16.17 16.57 25.81
C LEU A 222 -15.90 15.32 25.00
N MET A 223 -16.04 14.15 25.63
CA MET A 223 -15.83 12.90 24.94
C MET A 223 -16.86 12.62 23.89
N ALA A 224 -18.12 12.97 24.11
CA ALA A 224 -19.14 12.80 23.09
C ALA A 224 -18.95 13.82 21.97
N SER A 225 -18.33 14.99 22.26
CA SER A 225 -17.98 16.00 21.25
C SER A 225 -16.89 15.38 20.40
N LEU A 226 -15.84 14.84 21.01
CA LEU A 226 -14.75 14.22 20.29
C LEU A 226 -15.24 13.08 19.44
N TYR A 227 -16.17 12.28 19.97
CA TYR A 227 -16.75 11.14 19.28
C TYR A 227 -17.55 11.61 18.07
N ILE A 228 -18.56 12.49 18.26
CA ILE A 228 -19.37 12.96 17.17
C ILE A 228 -18.59 13.85 16.14
N THR A 229 -17.71 14.81 16.59
CA THR A 229 -16.94 15.59 15.60
C THR A 229 -16.00 14.69 14.82
N GLY A 230 -15.36 13.76 15.52
CA GLY A 230 -14.43 12.83 14.91
C GLY A 230 -15.02 12.02 13.77
N ALA A 231 -16.23 11.45 13.97
CA ALA A 231 -16.90 10.65 12.93
C ALA A 231 -17.27 11.51 11.76
N ALA A 232 -17.77 12.75 12.03
CA ALA A 232 -18.20 13.72 11.03
C ALA A 232 -17.05 14.02 10.09
N LEU A 233 -15.83 14.32 10.62
CA LEU A 233 -14.66 14.51 9.78
C LEU A 233 -14.38 13.33 8.83
N TYR A 234 -14.27 12.10 9.36
CA TYR A 234 -14.02 10.90 8.59
C TYR A 234 -15.07 10.66 7.51
N ALA A 235 -16.35 10.79 7.86
CA ALA A 235 -17.44 10.50 6.93
C ALA A 235 -17.58 11.56 5.87
N ALA A 236 -17.37 12.82 6.27
CA ALA A 236 -17.48 13.94 5.34
C ALA A 236 -16.19 14.22 4.56
N ARG A 237 -15.09 13.48 4.81
CA ARG A 237 -13.83 13.67 4.11
C ARG A 237 -13.37 15.12 4.13
N ILE A 238 -13.47 15.76 5.29
CA ILE A 238 -13.08 17.16 5.46
C ILE A 238 -11.68 17.21 6.10
N PRO A 239 -10.73 18.03 5.62
CA PRO A 239 -10.86 19.08 4.61
C PRO A 239 -10.56 18.75 3.16
N GLU A 240 -10.16 17.50 2.84
CA GLU A 240 -9.79 17.16 1.47
C GLU A 240 -11.00 17.33 0.47
N ARG A 241 -12.23 17.26 0.92
CA ARG A 241 -13.41 17.52 0.09
C ARG A 241 -13.38 18.97 -0.44
N PHE A 242 -12.79 19.89 0.35
CA PHE A 242 -12.73 21.31 0.04
C PHE A 242 -11.44 21.74 -0.60
N PHE A 243 -10.35 20.96 -0.45
CA PHE A 243 -9.08 21.35 -1.08
C PHE A 243 -8.44 20.15 -1.76
N PRO A 244 -9.10 19.56 -2.79
CA PRO A 244 -8.54 18.36 -3.41
C PRO A 244 -7.14 18.60 -3.99
N GLY A 245 -6.22 17.67 -3.75
CA GLY A 245 -4.85 17.80 -4.24
C GLY A 245 -3.93 18.59 -3.33
N LYS A 246 -4.50 19.29 -2.35
CA LYS A 246 -3.73 20.11 -1.43
C LYS A 246 -3.52 19.42 -0.10
N CYS A 247 -4.45 18.54 0.32
CA CYS A 247 -4.38 17.76 1.55
C CYS A 247 -3.87 16.33 1.31
N ASP A 248 -3.13 16.09 0.22
CA ASP A 248 -2.61 14.76 -0.07
C ASP A 248 -1.70 14.13 1.01
N ILE A 249 -0.68 14.88 1.52
CA ILE A 249 0.24 14.31 2.50
C ILE A 249 -0.11 14.72 3.96
N TRP A 250 -0.68 15.93 4.18
CA TRP A 250 -0.94 16.35 5.56
C TRP A 250 -2.37 16.87 5.86
N PHE A 251 -2.74 16.73 7.12
CA PHE A 251 -3.98 17.13 7.75
C PHE A 251 -5.23 16.69 7.03
N HIS A 252 -5.20 15.65 6.16
CA HIS A 252 -6.45 15.18 5.59
C HIS A 252 -7.32 14.45 6.71
N SER A 253 -8.64 14.25 6.48
CA SER A 253 -9.58 13.62 7.41
C SER A 253 -9.08 12.34 8.15
N HIS A 254 -8.49 11.31 7.46
CA HIS A 254 -8.05 10.10 8.19
C HIS A 254 -6.98 10.45 9.19
N GLN A 255 -6.01 11.29 8.76
CA GLN A 255 -4.91 11.78 9.58
C GLN A 255 -5.42 12.58 10.78
N LEU A 256 -6.48 13.37 10.57
CA LEU A 256 -7.05 14.14 11.65
C LEU A 256 -7.76 13.17 12.61
N PHE A 257 -8.55 12.23 12.07
CA PHE A 257 -9.28 11.23 12.86
C PHE A 257 -8.35 10.40 13.71
N HIS A 258 -7.12 10.15 13.23
CA HIS A 258 -6.12 9.40 13.97
C HIS A 258 -5.74 10.17 15.22
N ILE A 259 -5.56 11.50 15.08
CA ILE A 259 -5.24 12.40 16.20
C ILE A 259 -6.41 12.45 17.20
N PHE A 260 -7.65 12.38 16.70
CA PHE A 260 -8.83 12.35 17.53
C PHE A 260 -8.95 11.04 18.32
N VAL A 261 -8.38 9.90 17.81
CA VAL A 261 -8.44 8.60 18.51
C VAL A 261 -7.39 8.57 19.63
N VAL A 262 -6.19 9.08 19.37
CA VAL A 262 -5.17 9.19 20.39
C VAL A 262 -5.62 10.20 21.43
N ALA A 263 -6.13 11.39 21.00
CA ALA A 263 -6.59 12.38 21.99
C ALA A 263 -7.75 11.83 22.76
N GLY A 264 -8.71 11.22 22.07
CA GLY A 264 -9.89 10.62 22.68
C GLY A 264 -9.53 9.61 23.74
N ALA A 265 -8.65 8.66 23.42
CA ALA A 265 -8.20 7.68 24.40
C ALA A 265 -7.41 8.32 25.54
N PHE A 266 -6.66 9.41 25.29
CA PHE A 266 -5.96 10.12 26.37
C PHE A 266 -6.92 10.90 27.33
N VAL A 267 -8.01 11.47 26.78
CA VAL A 267 -9.00 12.15 27.59
C VAL A 267 -9.73 11.11 28.40
N HIS A 268 -10.14 10.01 27.77
CA HIS A 268 -10.85 8.95 28.44
C HIS A 268 -10.06 8.37 29.59
N PHE A 269 -8.75 8.17 29.39
CA PHE A 269 -7.88 7.65 30.44
C PHE A 269 -7.81 8.66 31.56
N HIS A 270 -7.65 9.95 31.25
CA HIS A 270 -7.60 11.00 32.26
C HIS A 270 -8.88 11.08 33.09
N GLY A 271 -10.02 10.82 32.46
CA GLY A 271 -11.30 10.78 33.14
C GLY A 271 -11.41 9.61 34.11
N VAL A 272 -11.24 8.36 33.65
CA VAL A 272 -11.32 7.19 34.55
C VAL A 272 -10.17 7.20 35.58
N SER A 273 -9.01 7.80 35.23
CA SER A 273 -7.94 7.94 36.21
C SER A 273 -8.27 8.97 37.30
N ASN A 274 -9.28 9.80 37.09
CA ASN A 274 -9.74 10.71 38.11
C ASN A 274 -10.76 9.94 38.98
N LEU A 275 -11.67 9.15 38.36
CA LEU A 275 -12.64 8.33 39.11
C LEU A 275 -11.93 7.35 40.04
N GLN A 276 -10.71 6.91 39.69
CA GLN A 276 -9.96 6.04 40.59
C GLN A 276 -9.36 6.89 41.73
N GLU A 277 -8.69 8.05 41.42
CA GLU A 277 -8.08 8.93 42.41
C GLU A 277 -9.10 9.35 43.48
N PHE A 278 -10.34 9.60 43.03
CA PHE A 278 -11.45 9.98 43.87
C PHE A 278 -11.97 8.78 44.68
N ARG A 279 -12.26 7.62 44.03
CA ARG A 279 -12.68 6.40 44.76
C ARG A 279 -11.67 6.02 45.85
N PHE A 280 -10.40 6.37 45.66
CA PHE A 280 -9.36 6.12 46.65
C PHE A 280 -9.60 6.99 47.86
N MET A 281 -9.83 8.29 47.69
CA MET A 281 -10.10 9.18 48.82
C MET A 281 -11.31 8.74 49.63
N ILE A 282 -12.45 8.50 48.98
CA ILE A 282 -13.65 8.09 49.68
C ILE A 282 -13.58 6.65 50.29
N GLY A 283 -12.80 5.76 49.69
CA GLY A 283 -12.73 4.37 50.17
C GLY A 283 -13.79 3.48 49.54
N GLY A 284 -13.64 2.17 49.70
CA GLY A 284 -14.55 1.20 49.07
C GLY A 284 -15.88 0.91 49.75
N GLY A 285 -16.32 1.81 50.62
CA GLY A 285 -17.57 1.63 51.34
C GLY A 285 -18.86 1.90 50.58
N CYS A 286 -19.94 2.05 51.36
CA CYS A 286 -21.31 2.32 50.89
C CYS A 286 -21.98 3.27 51.88
N GLU B 1 -5.46 6.11 -24.45
CA GLU B 1 -4.88 7.44 -24.26
C GLU B 1 -3.35 7.44 -24.15
N VAL B 2 -2.77 6.59 -23.27
CA VAL B 2 -1.32 6.56 -23.14
C VAL B 2 -0.63 5.92 -24.35
N LEU B 3 0.17 6.72 -25.08
CA LEU B 3 0.97 6.22 -26.20
C LEU B 3 2.42 6.72 -26.10
N LEU B 4 3.34 5.80 -26.34
CA LEU B 4 4.76 6.09 -26.39
C LEU B 4 5.12 6.00 -27.92
N GLN B 5 5.55 7.14 -28.51
CA GLN B 5 5.81 7.18 -29.95
C GLN B 5 7.28 7.41 -30.23
N GLN B 6 7.95 6.42 -30.80
CA GLN B 6 9.36 6.51 -31.08
C GLN B 6 9.70 6.97 -32.48
N SER B 7 10.90 7.53 -32.63
CA SER B 7 11.39 7.98 -33.91
C SER B 7 11.63 6.78 -34.90
N GLY B 8 11.88 7.08 -36.17
CA GLY B 8 12.05 6.08 -37.21
C GLY B 8 13.38 5.35 -37.13
N PRO B 9 13.55 4.30 -37.98
CA PRO B 9 14.81 3.54 -37.98
C PRO B 9 16.02 4.35 -38.38
N GLU B 10 17.21 3.82 -38.11
CA GLU B 10 18.45 4.46 -38.46
C GLU B 10 19.51 3.48 -39.01
N LEU B 11 20.23 3.93 -40.03
CA LEU B 11 21.29 3.16 -40.66
C LEU B 11 22.50 4.02 -40.46
N VAL B 12 23.40 3.66 -39.53
CA VAL B 12 24.56 4.48 -39.24
C VAL B 12 25.84 3.74 -39.52
N LYS B 13 26.92 4.46 -39.86
CA LYS B 13 28.24 3.82 -40.03
C LYS B 13 28.83 3.67 -38.64
N PRO B 14 29.72 2.70 -38.43
CA PRO B 14 30.34 2.56 -37.09
C PRO B 14 30.94 3.86 -36.57
N GLY B 15 30.96 4.01 -35.26
CA GLY B 15 31.50 5.18 -34.59
C GLY B 15 30.60 6.40 -34.61
N ALA B 16 29.40 6.26 -35.16
CA ALA B 16 28.46 7.36 -35.23
C ALA B 16 27.76 7.55 -33.81
N SER B 17 26.71 8.38 -33.73
CA SER B 17 25.87 8.59 -32.59
C SER B 17 24.44 8.60 -33.11
N VAL B 18 23.49 8.12 -32.31
CA VAL B 18 22.07 8.18 -32.65
C VAL B 18 21.30 8.77 -31.48
N ARG B 19 20.06 9.26 -31.73
CA ARG B 19 19.24 9.75 -30.66
C ARG B 19 17.82 9.29 -30.84
N ILE B 20 17.45 8.22 -30.10
CA ILE B 20 16.08 7.72 -30.16
C ILE B 20 15.13 8.67 -29.37
N THR B 21 13.91 8.84 -29.91
CA THR B 21 12.89 9.76 -29.43
C THR B 21 11.69 8.99 -28.95
N CYS B 22 11.08 9.49 -27.89
CA CYS B 22 9.97 8.84 -27.26
C CYS B 22 8.99 9.95 -26.83
N LYS B 23 8.00 10.26 -27.68
CA LYS B 23 7.00 11.24 -27.33
C LYS B 23 5.93 10.53 -26.49
N ALA B 24 5.72 11.01 -25.25
CA ALA B 24 4.77 10.41 -24.33
C ALA B 24 3.50 11.23 -24.34
N SER B 25 2.37 10.58 -24.60
CA SER B 25 1.06 11.25 -24.62
C SER B 25 0.07 10.41 -23.80
N GLY B 26 -0.99 11.01 -23.31
CA GLY B 26 -2.00 10.29 -22.54
C GLY B 26 -1.87 10.36 -21.04
N TYR B 27 -0.89 11.12 -20.52
CA TYR B 27 -0.70 11.21 -19.08
C TYR B 27 0.26 12.36 -18.68
N THR B 28 0.35 12.68 -17.36
CA THR B 28 1.34 13.67 -16.92
C THR B 28 2.77 13.10 -16.97
N PHE B 29 3.58 13.56 -17.95
CA PHE B 29 4.95 13.12 -18.20
C PHE B 29 5.77 12.82 -16.95
N THR B 30 5.86 13.81 -16.06
CA THR B 30 6.60 13.81 -14.81
C THR B 30 6.10 12.89 -13.70
N ASP B 31 5.06 12.08 -13.96
CA ASP B 31 4.52 11.21 -12.91
C ASP B 31 5.18 9.84 -12.80
N PHE B 32 5.79 9.38 -13.88
CA PHE B 32 6.36 8.04 -13.92
C PHE B 32 7.66 8.04 -14.62
N ASN B 33 8.58 7.18 -14.19
CA ASN B 33 9.85 7.06 -14.90
C ASN B 33 9.66 6.38 -16.26
N MET B 34 10.61 6.64 -17.12
CA MET B 34 10.69 6.08 -18.47
C MET B 34 11.92 5.23 -18.46
N ASP B 35 11.78 3.98 -18.87
CA ASP B 35 12.90 3.07 -18.94
C ASP B 35 13.29 2.84 -20.40
N TRP B 36 14.58 2.60 -20.66
CA TRP B 36 15.02 2.28 -22.01
C TRP B 36 15.47 0.82 -22.04
N VAL B 37 14.97 0.05 -23.02
CA VAL B 37 15.24 -1.40 -23.12
C VAL B 37 15.75 -1.79 -24.51
N LYS B 38 16.76 -2.68 -24.60
CA LYS B 38 17.36 -3.10 -25.87
C LYS B 38 17.11 -4.57 -26.15
N GLN B 39 16.82 -4.89 -27.40
CA GLN B 39 16.61 -6.27 -27.80
C GLN B 39 17.40 -6.51 -29.08
N SER B 40 18.48 -7.27 -28.99
CA SER B 40 19.31 -7.55 -30.16
C SER B 40 18.63 -8.55 -31.10
N PRO B 41 19.03 -8.63 -32.39
CA PRO B 41 18.30 -9.48 -33.34
C PRO B 41 18.26 -10.95 -32.95
N GLY B 42 17.04 -11.47 -32.90
CA GLY B 42 16.79 -12.82 -32.44
C GLY B 42 17.24 -13.00 -31.00
N LYS B 43 17.19 -11.94 -30.18
CA LYS B 43 17.71 -12.03 -28.80
C LYS B 43 16.68 -11.57 -27.79
N SER B 44 16.97 -11.81 -26.51
CA SER B 44 16.14 -11.42 -25.39
C SER B 44 16.25 -9.88 -25.16
N LEU B 45 15.54 -9.39 -24.14
CA LEU B 45 15.58 -7.99 -23.77
C LEU B 45 16.69 -7.72 -22.75
N GLU B 46 17.11 -6.46 -22.67
CA GLU B 46 18.16 -6.00 -21.79
C GLU B 46 17.79 -4.66 -21.28
N TRP B 47 17.91 -4.45 -19.99
CA TRP B 47 17.57 -3.15 -19.39
C TRP B 47 18.73 -2.16 -19.50
N ILE B 48 18.64 -1.20 -20.43
CA ILE B 48 19.66 -0.18 -20.58
C ILE B 48 19.74 0.68 -19.31
N GLY B 49 18.58 1.19 -18.84
CA GLY B 49 18.48 2.03 -17.64
C GLY B 49 17.12 2.67 -17.42
N ASP B 50 16.99 3.56 -16.43
CA ASP B 50 15.77 4.32 -16.13
C ASP B 50 16.10 5.81 -15.95
N PHE B 51 15.09 6.64 -16.16
CA PHE B 51 15.28 8.08 -16.08
C PHE B 51 14.07 8.65 -15.41
N ASN B 52 14.29 9.50 -14.38
CA ASN B 52 13.19 10.12 -13.65
C ASN B 52 12.87 11.47 -14.31
N PRO B 53 11.70 11.61 -14.98
CA PRO B 53 11.45 12.86 -15.71
C PRO B 53 11.37 14.08 -14.82
N ASN B 54 10.77 13.93 -13.67
CA ASN B 54 10.60 14.99 -12.68
C ASN B 54 11.93 15.45 -12.02
N SER B 55 12.77 14.52 -11.57
CA SER B 55 14.02 14.86 -10.92
C SER B 55 15.22 14.94 -11.88
N GLY B 56 15.03 14.54 -13.15
CA GLY B 56 16.08 14.46 -14.16
C GLY B 56 17.17 13.44 -13.84
N GLY B 57 16.88 12.54 -12.88
CA GLY B 57 17.85 11.54 -12.42
C GLY B 57 17.93 10.26 -13.22
N SER B 58 19.14 9.90 -13.66
CA SER B 58 19.30 8.67 -14.45
C SER B 58 19.99 7.58 -13.66
N ILE B 59 19.66 6.33 -13.96
CA ILE B 59 20.25 5.17 -13.32
C ILE B 59 20.49 4.25 -14.47
N TYR B 60 21.75 3.93 -14.77
CA TYR B 60 22.06 3.09 -15.92
C TYR B 60 22.56 1.73 -15.49
N ASN B 61 22.32 0.71 -16.31
CA ASN B 61 22.91 -0.62 -16.06
C ASN B 61 24.38 -0.43 -16.47
N GLN B 62 25.37 -0.73 -15.60
CA GLN B 62 26.79 -0.52 -15.95
C GLN B 62 27.19 -1.06 -17.36
N LYS B 63 26.47 -2.07 -17.88
CA LYS B 63 26.74 -2.59 -19.22
C LYS B 63 26.57 -1.49 -20.27
N PHE B 64 25.60 -0.62 -20.11
CA PHE B 64 25.34 0.47 -21.03
C PHE B 64 25.77 1.83 -20.49
N LYS B 65 26.66 1.88 -19.46
CA LYS B 65 27.08 3.11 -18.83
C LYS B 65 27.80 4.02 -19.76
N ASP B 66 28.81 3.49 -20.48
CA ASP B 66 29.58 4.28 -21.42
C ASP B 66 28.89 4.49 -22.80
N LYS B 67 27.82 3.72 -23.07
CA LYS B 67 27.14 3.68 -24.35
C LYS B 67 25.92 4.60 -24.44
N ALA B 68 25.13 4.76 -23.34
CA ALA B 68 23.91 5.57 -23.41
C ALA B 68 23.82 6.77 -22.47
N THR B 69 23.09 7.81 -22.94
CA THR B 69 22.78 9.04 -22.22
C THR B 69 21.28 9.35 -22.34
N PHE B 70 20.60 9.51 -21.19
CA PHE B 70 19.17 9.80 -21.16
C PHE B 70 18.95 11.30 -20.97
N THR B 71 18.20 11.92 -21.86
CA THR B 71 17.86 13.32 -21.73
C THR B 71 16.34 13.48 -21.86
N VAL B 72 15.82 14.68 -21.58
CA VAL B 72 14.38 14.89 -21.59
C VAL B 72 14.04 16.27 -22.13
N ASP B 73 12.78 16.44 -22.54
CA ASP B 73 12.22 17.73 -22.90
C ASP B 73 10.82 17.72 -22.28
N LYS B 74 10.77 18.05 -20.96
CA LYS B 74 9.55 18.04 -20.14
C LYS B 74 8.41 18.78 -20.81
N SER B 75 8.74 19.91 -21.51
CA SER B 75 7.83 20.81 -22.24
C SER B 75 7.09 20.10 -23.35
N SER B 76 7.82 19.28 -24.12
CA SER B 76 7.24 18.53 -25.22
C SER B 76 6.84 17.09 -24.86
N SER B 77 6.98 16.73 -23.56
CA SER B 77 6.70 15.40 -23.04
C SER B 77 7.45 14.33 -23.79
N THR B 78 8.71 14.64 -24.15
CA THR B 78 9.56 13.70 -24.87
C THR B 78 10.74 13.28 -24.02
N ALA B 79 11.09 12.04 -24.23
CA ALA B 79 12.17 11.29 -23.65
C ALA B 79 13.16 11.04 -24.76
N TYR B 80 14.46 11.23 -24.49
CA TYR B 80 15.49 10.95 -25.50
C TYR B 80 16.55 9.97 -24.97
N MET B 81 17.13 9.19 -25.87
CA MET B 81 18.24 8.31 -25.52
C MET B 81 19.31 8.38 -26.62
N GLU B 82 20.50 8.85 -26.26
CA GLU B 82 21.62 9.00 -27.17
C GLU B 82 22.47 7.78 -27.06
N LEU B 83 22.68 7.08 -28.16
CA LEU B 83 23.62 5.96 -28.17
C LEU B 83 24.84 6.45 -28.93
N ARG B 84 26.02 6.39 -28.33
CA ARG B 84 27.21 6.94 -28.96
C ARG B 84 28.28 5.88 -29.29
N SER B 85 29.20 6.23 -30.25
CA SER B 85 30.31 5.41 -30.74
C SER B 85 29.79 4.03 -31.11
N LEU B 86 28.79 4.04 -31.97
CA LEU B 86 28.06 2.86 -32.40
C LEU B 86 28.89 1.76 -33.04
N THR B 87 28.88 0.54 -32.51
CA THR B 87 29.60 -0.59 -33.09
C THR B 87 28.60 -1.62 -33.69
N PHE B 88 29.07 -2.65 -34.40
CA PHE B 88 28.17 -3.63 -35.01
C PHE B 88 27.24 -4.32 -34.01
N GLU B 89 27.74 -4.56 -32.79
CA GLU B 89 26.96 -5.19 -31.72
C GLU B 89 25.78 -4.30 -31.25
N ASP B 90 25.82 -2.99 -31.54
CA ASP B 90 24.76 -2.08 -31.11
C ASP B 90 23.51 -2.15 -32.04
N THR B 91 23.56 -2.94 -33.14
CA THR B 91 22.45 -3.14 -34.06
C THR B 91 21.34 -3.86 -33.29
N ALA B 92 20.28 -3.13 -32.92
CA ALA B 92 19.21 -3.68 -32.11
C ALA B 92 17.91 -2.81 -32.16
N VAL B 93 16.79 -3.32 -31.64
CA VAL B 93 15.56 -2.56 -31.54
C VAL B 93 15.57 -1.97 -30.15
N TYR B 94 15.34 -0.67 -30.08
CA TYR B 94 15.37 0.04 -28.83
C TYR B 94 13.96 0.42 -28.45
N TYR B 95 13.59 0.19 -27.19
CA TYR B 95 12.29 0.52 -26.70
C TYR B 95 12.40 1.46 -25.52
N CYS B 96 11.41 2.31 -25.39
CA CYS B 96 11.19 3.16 -24.26
C CYS B 96 9.94 2.53 -23.68
N ALA B 97 10.06 2.04 -22.47
CA ALA B 97 8.97 1.38 -21.77
C ALA B 97 8.65 2.22 -20.52
N ARG B 98 7.37 2.43 -20.18
CA ARG B 98 7.02 3.26 -19.02
C ARG B 98 6.67 2.48 -17.76
N GLU B 99 7.28 2.87 -16.61
CA GLU B 99 6.89 2.22 -15.37
C GLU B 99 5.65 2.90 -14.79
N THR B 100 4.98 2.27 -13.82
CA THR B 100 3.81 2.84 -13.15
C THR B 100 3.94 2.61 -11.66
N GLY B 101 4.79 3.43 -11.02
CA GLY B 101 5.11 3.34 -9.59
C GLY B 101 6.36 2.51 -9.42
N THR B 102 6.20 1.17 -9.55
CA THR B 102 7.27 0.19 -9.58
C THR B 102 7.43 -0.21 -11.04
N ALA B 103 8.71 -0.31 -11.52
CA ALA B 103 9.19 -0.57 -12.89
C ALA B 103 8.69 -1.86 -13.60
N TRP B 104 7.36 -1.96 -13.80
CA TRP B 104 6.73 -3.02 -14.58
C TRP B 104 6.15 -2.31 -15.78
N PHE B 105 6.40 -2.83 -16.95
CA PHE B 105 6.17 -2.09 -18.17
C PHE B 105 4.87 -2.33 -18.87
N ALA B 106 3.85 -1.55 -18.43
CA ALA B 106 2.50 -1.46 -18.99
C ALA B 106 2.49 -0.82 -20.37
N TYR B 107 3.31 0.26 -20.58
CA TYR B 107 3.38 0.98 -21.86
C TYR B 107 4.73 0.85 -22.59
N TRP B 108 4.71 0.68 -23.93
CA TRP B 108 5.95 0.50 -24.69
C TRP B 108 5.91 1.24 -26.03
N GLY B 109 7.06 1.83 -26.42
CA GLY B 109 7.22 2.46 -27.72
C GLY B 109 7.20 1.39 -28.80
N GLN B 110 6.94 1.76 -30.04
CA GLN B 110 6.86 0.77 -31.13
C GLN B 110 8.25 0.23 -31.58
N GLY B 111 9.32 0.78 -31.01
CA GLY B 111 10.69 0.37 -31.27
C GLY B 111 11.35 1.21 -32.33
N THR B 112 12.68 1.32 -32.24
CA THR B 112 13.49 2.04 -33.22
C THR B 112 14.64 1.15 -33.52
N LEU B 113 14.78 0.77 -34.78
CA LEU B 113 15.85 -0.13 -35.17
C LEU B 113 17.13 0.64 -35.48
N VAL B 114 18.22 0.31 -34.80
CA VAL B 114 19.47 0.98 -35.10
C VAL B 114 20.37 -0.05 -35.77
N THR B 115 20.51 0.05 -37.13
CA THR B 115 21.40 -0.82 -37.89
C THR B 115 22.71 -0.09 -38.11
N VAL B 116 23.80 -0.63 -37.56
CA VAL B 116 25.16 -0.11 -37.69
C VAL B 116 25.80 -0.83 -38.88
N SER B 117 25.89 -0.15 -40.02
CA SER B 117 26.44 -0.72 -41.23
C SER B 117 27.54 0.10 -41.79
N ALA B 118 28.61 -0.57 -42.15
CA ALA B 118 29.76 0.08 -42.77
C ALA B 118 29.75 -0.19 -44.30
N ALA B 119 28.56 -0.38 -44.91
CA ALA B 119 28.44 -0.75 -46.32
C ALA B 119 28.70 0.38 -47.29
N GLY B 120 28.22 1.56 -46.98
CA GLY B 120 28.37 2.72 -47.85
C GLY B 120 29.71 3.39 -47.70
N GLY B 121 30.40 3.14 -46.59
CA GLY B 121 31.69 3.71 -46.32
C GLY B 121 31.95 3.88 -44.83
N GLY B 122 23.54 -16.38 -23.46
CA GLY B 122 24.79 -15.70 -23.77
C GLY B 122 24.90 -14.33 -23.13
N GLY B 123 25.71 -13.46 -23.71
CA GLY B 123 25.88 -12.11 -23.20
C GLY B 123 27.21 -11.43 -23.48
N SER B 124 27.14 -10.25 -24.13
CA SER B 124 28.29 -9.42 -24.48
C SER B 124 28.83 -8.54 -23.30
N GLY B 125 28.28 -8.72 -22.10
CA GLY B 125 28.70 -7.95 -20.94
C GLY B 125 28.04 -8.42 -19.66
N GLY B 126 28.03 -7.56 -18.64
CA GLY B 126 27.45 -7.85 -17.33
C GLY B 126 27.51 -6.70 -16.35
N GLY B 127 27.41 -7.01 -15.05
CA GLY B 127 27.40 -6.01 -14.00
C GLY B 127 27.98 -6.31 -12.62
N GLY B 128 27.67 -7.49 -12.06
CA GLY B 128 28.17 -7.85 -10.75
C GLY B 128 27.22 -8.67 -9.88
N SER B 129 26.77 -8.09 -8.73
CA SER B 129 25.86 -8.70 -7.75
C SER B 129 24.39 -8.73 -8.26
N ASP B 130 24.22 -8.83 -9.60
CA ASP B 130 22.97 -8.80 -10.34
C ASP B 130 22.15 -10.08 -10.22
N ILE B 131 20.81 -9.99 -10.43
CA ILE B 131 19.93 -11.15 -10.40
C ILE B 131 19.70 -11.73 -11.81
N GLN B 132 20.16 -12.96 -12.06
CA GLN B 132 19.99 -13.60 -13.35
C GLN B 132 18.63 -14.24 -13.37
N MET B 133 17.81 -13.97 -14.42
CA MET B 133 16.49 -14.58 -14.54
C MET B 133 16.60 -15.76 -15.43
N THR B 134 16.26 -16.94 -14.93
CA THR B 134 16.37 -18.15 -15.72
C THR B 134 15.03 -18.63 -16.16
N GLN B 135 14.78 -18.67 -17.48
CA GLN B 135 13.49 -19.08 -18.02
C GLN B 135 13.47 -20.49 -18.62
N SER B 136 12.29 -21.15 -18.61
CA SER B 136 12.19 -22.53 -19.07
C SER B 136 10.78 -22.94 -19.45
N PRO B 137 10.60 -23.74 -20.52
CA PRO B 137 11.58 -24.12 -21.53
C PRO B 137 12.00 -22.94 -22.40
N ALA B 138 13.10 -23.07 -23.15
CA ALA B 138 13.51 -22.03 -24.07
C ALA B 138 12.48 -21.89 -25.22
N SER B 139 11.66 -22.93 -25.44
CA SER B 139 10.62 -22.97 -26.46
C SER B 139 9.71 -24.18 -26.26
N LEU B 140 8.48 -24.06 -26.74
CA LEU B 140 7.52 -25.14 -26.73
C LEU B 140 6.43 -24.93 -27.75
N SER B 141 5.96 -26.02 -28.33
CA SER B 141 4.93 -25.98 -29.32
C SER B 141 3.78 -26.77 -28.73
N ALA B 142 2.64 -26.12 -28.52
CA ALA B 142 1.44 -26.76 -27.98
C ALA B 142 0.26 -26.52 -28.94
N SER B 143 -0.85 -27.27 -28.77
CA SER B 143 -2.05 -27.12 -29.58
C SER B 143 -3.05 -26.24 -28.87
N VAL B 144 -4.01 -25.66 -29.61
CA VAL B 144 -5.07 -24.87 -29.00
C VAL B 144 -5.93 -25.75 -28.08
N GLY B 145 -6.31 -25.22 -26.93
CA GLY B 145 -7.08 -25.98 -25.95
C GLY B 145 -6.21 -26.57 -24.84
N GLU B 146 -4.94 -26.86 -25.16
CA GLU B 146 -3.98 -27.37 -24.18
C GLU B 146 -3.55 -26.23 -23.17
N THR B 147 -2.98 -26.60 -22.02
CA THR B 147 -2.46 -25.62 -21.05
C THR B 147 -0.94 -25.64 -21.15
N VAL B 148 -0.27 -24.54 -20.81
CA VAL B 148 1.21 -24.50 -20.84
C VAL B 148 1.73 -23.81 -19.61
N THR B 149 2.91 -24.21 -19.15
CA THR B 149 3.51 -23.55 -17.98
C THR B 149 4.94 -23.14 -18.26
N ILE B 150 5.22 -21.84 -18.17
CA ILE B 150 6.57 -21.32 -18.36
C ILE B 150 7.04 -20.92 -17.00
N THR B 151 8.23 -21.37 -16.59
CA THR B 151 8.72 -21.02 -15.25
C THR B 151 9.87 -19.97 -15.33
N CYS B 152 10.16 -19.33 -14.20
CA CYS B 152 11.17 -18.30 -14.07
C CYS B 152 11.80 -18.40 -12.71
N ARG B 153 13.12 -18.56 -12.67
CA ARG B 153 13.86 -18.76 -11.44
C ARG B 153 14.87 -17.66 -11.26
N ALA B 154 14.96 -17.06 -10.07
CA ALA B 154 15.91 -15.97 -9.85
C ALA B 154 17.19 -16.34 -9.07
N SER B 155 18.31 -15.62 -9.37
CA SER B 155 19.58 -15.71 -8.68
C SER B 155 19.33 -15.30 -7.19
N GLY B 156 18.83 -14.10 -6.96
CA GLY B 156 18.46 -13.66 -5.62
C GLY B 156 16.98 -13.86 -5.37
N ASN B 157 16.45 -13.24 -4.32
CA ASN B 157 15.00 -13.32 -4.04
C ASN B 157 14.44 -12.00 -4.57
N ILE B 158 13.29 -12.02 -5.28
CA ILE B 158 12.75 -10.77 -5.81
C ILE B 158 11.50 -10.28 -5.12
N HIS B 159 11.05 -10.91 -4.04
CA HIS B 159 9.92 -10.41 -3.22
C HIS B 159 8.62 -10.15 -3.99
N ASN B 160 8.33 -10.99 -5.01
CA ASN B 160 7.18 -10.96 -5.92
C ASN B 160 7.14 -9.78 -6.86
N PHE B 161 8.25 -9.07 -7.04
CA PHE B 161 8.34 -7.97 -7.98
C PHE B 161 8.71 -8.59 -9.30
N LEU B 162 7.77 -9.34 -9.88
CA LEU B 162 7.98 -10.01 -11.15
C LEU B 162 6.89 -9.65 -12.18
N ALA B 163 7.27 -9.46 -13.44
CA ALA B 163 6.30 -9.20 -14.49
C ALA B 163 6.48 -10.22 -15.60
N TRP B 164 5.42 -10.56 -16.31
CA TRP B 164 5.46 -11.46 -17.45
C TRP B 164 5.04 -10.68 -18.67
N TYR B 165 5.67 -10.91 -19.82
CA TYR B 165 5.39 -10.18 -21.03
C TYR B 165 5.05 -11.08 -22.24
N GLN B 166 4.54 -10.48 -23.31
CA GLN B 166 4.30 -11.22 -24.52
C GLN B 166 4.66 -10.38 -25.72
N GLN B 167 5.50 -10.92 -26.58
CA GLN B 167 5.93 -10.24 -27.77
C GLN B 167 5.60 -11.00 -29.02
N LYS B 168 5.01 -10.31 -30.00
CA LYS B 168 4.70 -10.86 -31.32
C LYS B 168 5.83 -10.40 -32.28
N GLN B 169 6.05 -11.11 -33.43
CA GLN B 169 7.14 -10.69 -34.35
C GLN B 169 6.89 -9.28 -34.87
N GLY B 170 7.93 -8.46 -34.84
CA GLY B 170 7.82 -7.08 -35.23
C GLY B 170 7.29 -6.20 -34.12
N LYS B 171 6.42 -6.75 -33.27
CA LYS B 171 5.82 -5.99 -32.18
C LYS B 171 6.73 -5.76 -30.92
N SER B 172 6.32 -4.81 -30.08
CA SER B 172 6.99 -4.51 -28.81
C SER B 172 6.33 -5.38 -27.76
N PRO B 173 7.08 -5.79 -26.69
CA PRO B 173 6.43 -6.58 -25.65
C PRO B 173 5.26 -5.84 -24.99
N GLN B 174 4.26 -6.60 -24.51
CA GLN B 174 3.12 -6.06 -23.81
C GLN B 174 2.88 -6.88 -22.56
N VAL B 175 2.85 -6.23 -21.40
CA VAL B 175 2.67 -6.86 -20.09
C VAL B 175 1.40 -7.79 -19.96
N LEU B 176 1.53 -8.86 -19.16
CA LEU B 176 0.48 -9.86 -18.94
C LEU B 176 0.16 -9.96 -17.47
N VAL B 177 1.19 -10.17 -16.65
CA VAL B 177 1.11 -10.27 -15.18
C VAL B 177 2.14 -9.28 -14.57
N TYR B 178 1.88 -8.79 -13.38
CA TYR B 178 2.80 -7.93 -12.66
C TYR B 178 2.65 -8.18 -11.14
N ASN B 179 3.64 -7.78 -10.32
CA ASN B 179 3.61 -8.09 -8.88
C ASN B 179 3.35 -9.60 -8.60
N ALA B 180 3.94 -10.44 -9.49
CA ALA B 180 3.89 -11.89 -9.58
C ALA B 180 2.49 -12.50 -9.88
N LYS B 181 1.40 -12.04 -9.22
CA LYS B 181 0.08 -12.64 -9.43
C LYS B 181 -0.98 -11.72 -10.12
N THR B 182 -0.76 -10.41 -10.12
CA THR B 182 -1.72 -9.46 -10.69
C THR B 182 -1.87 -9.50 -12.21
N LEU B 183 -3.09 -9.70 -12.68
CA LEU B 183 -3.39 -9.76 -14.09
C LEU B 183 -3.50 -8.32 -14.62
N ALA B 184 -2.82 -8.00 -15.70
CA ALA B 184 -2.86 -6.65 -16.26
C ALA B 184 -4.21 -6.36 -16.98
N ASP B 185 -4.62 -5.09 -17.07
CA ASP B 185 -5.90 -4.74 -17.71
C ASP B 185 -5.97 -5.19 -19.13
N GLY B 186 -7.04 -5.86 -19.48
CA GLY B 186 -7.23 -6.32 -20.85
C GLY B 186 -6.85 -7.77 -21.04
N VAL B 187 -5.84 -8.22 -20.30
CA VAL B 187 -5.33 -9.57 -20.39
C VAL B 187 -6.41 -10.58 -20.06
N PRO B 188 -6.76 -11.47 -21.03
CA PRO B 188 -7.77 -12.52 -20.75
C PRO B 188 -7.43 -13.31 -19.49
N SER B 189 -8.43 -13.86 -18.78
CA SER B 189 -8.13 -14.60 -17.55
C SER B 189 -7.50 -15.96 -17.75
N ARG B 190 -7.17 -16.41 -18.99
CA ARG B 190 -6.44 -17.68 -19.18
C ARG B 190 -5.07 -17.55 -18.49
N PHE B 191 -4.42 -16.35 -18.62
CA PHE B 191 -3.12 -16.05 -18.04
C PHE B 191 -3.18 -16.01 -16.51
N SER B 192 -2.24 -16.71 -15.84
CA SER B 192 -2.32 -16.87 -14.39
C SER B 192 -0.96 -16.99 -13.64
N GLY B 193 -0.28 -15.86 -13.43
CA GLY B 193 0.98 -15.80 -12.69
C GLY B 193 0.96 -16.22 -11.21
N SER B 194 1.90 -17.06 -10.83
CA SER B 194 2.07 -17.60 -9.49
C SER B 194 3.56 -17.58 -9.08
N GLY B 195 3.83 -17.78 -7.82
CA GLY B 195 5.19 -17.83 -7.34
C GLY B 195 5.52 -16.95 -6.15
N SER B 196 6.69 -17.19 -5.59
CA SER B 196 7.21 -16.45 -4.46
C SER B 196 8.70 -16.68 -4.37
N GLY B 197 9.34 -15.78 -3.60
CA GLY B 197 10.76 -15.83 -3.29
C GLY B 197 11.59 -15.78 -4.54
N THR B 198 12.03 -16.96 -5.02
CA THR B 198 12.86 -17.05 -6.23
C THR B 198 12.26 -17.87 -7.38
N GLN B 199 11.21 -18.67 -7.14
CA GLN B 199 10.59 -19.47 -8.22
C GLN B 199 9.22 -18.91 -8.57
N TYR B 200 8.98 -18.54 -9.83
CA TYR B 200 7.70 -17.98 -10.30
C TYR B 200 7.23 -18.71 -11.57
N SER B 201 5.92 -18.77 -11.85
CA SER B 201 5.46 -19.40 -13.09
C SER B 201 4.18 -18.79 -13.72
N LEU B 202 4.16 -18.75 -15.05
CA LEU B 202 3.05 -18.31 -15.85
C LEU B 202 2.36 -19.58 -16.42
N LYS B 203 1.03 -19.68 -16.21
CA LYS B 203 0.22 -20.80 -16.71
C LYS B 203 -0.84 -20.22 -17.68
N ILE B 204 -0.80 -20.63 -18.96
CA ILE B 204 -1.79 -20.17 -19.94
C ILE B 204 -2.84 -21.28 -20.12
N ASN B 205 -4.10 -21.07 -19.69
CA ASN B 205 -5.14 -22.11 -19.85
C ASN B 205 -5.87 -22.12 -21.19
N SER B 206 -6.02 -23.32 -21.79
CA SER B 206 -6.67 -23.54 -23.09
C SER B 206 -6.15 -22.57 -24.14
N LEU B 207 -5.05 -22.95 -24.80
CA LEU B 207 -4.35 -22.12 -25.76
C LEU B 207 -5.21 -21.65 -26.87
N GLN B 208 -4.99 -20.40 -27.23
CA GLN B 208 -5.72 -19.73 -28.30
C GLN B 208 -4.78 -19.40 -29.40
N PRO B 209 -5.27 -19.37 -30.64
CA PRO B 209 -4.35 -19.13 -31.77
C PRO B 209 -3.52 -17.86 -31.68
N GLU B 210 -4.02 -16.85 -30.96
CA GLU B 210 -3.33 -15.58 -30.73
C GLU B 210 -2.15 -15.67 -29.76
N ASP B 211 -2.18 -16.66 -28.85
CA ASP B 211 -1.18 -16.84 -27.81
C ASP B 211 0.26 -17.20 -28.28
N PHE B 212 0.53 -17.28 -29.60
CA PHE B 212 1.89 -17.58 -30.07
C PHE B 212 2.84 -16.37 -29.88
N GLY B 213 4.14 -16.61 -29.80
CA GLY B 213 5.10 -15.53 -29.62
C GLY B 213 6.11 -15.76 -28.51
N SER B 214 6.92 -14.74 -28.22
CA SER B 214 7.92 -14.85 -27.15
C SER B 214 7.37 -14.34 -25.86
N TYR B 215 7.73 -15.01 -24.74
CA TYR B 215 7.28 -14.63 -23.41
C TYR B 215 8.49 -14.43 -22.59
N TYR B 216 8.47 -13.40 -21.75
CA TYR B 216 9.62 -13.10 -20.91
C TYR B 216 9.19 -12.81 -19.48
N CYS B 217 10.05 -13.06 -18.51
CA CYS B 217 9.79 -12.66 -17.15
C CYS B 217 10.76 -11.53 -16.82
N GLN B 218 10.37 -10.65 -15.95
CA GLN B 218 11.20 -9.51 -15.58
C GLN B 218 11.20 -9.34 -14.09
N GLN B 219 12.39 -9.12 -13.52
CA GLN B 219 12.46 -8.76 -12.11
C GLN B 219 12.64 -7.24 -12.03
N PHE B 220 11.98 -6.67 -11.03
CA PHE B 220 12.08 -5.24 -10.75
C PHE B 220 12.36 -4.97 -9.26
N TRP B 221 12.89 -5.98 -8.54
CA TRP B 221 13.24 -5.80 -7.15
C TRP B 221 14.53 -5.02 -7.04
N SER B 222 15.51 -5.29 -7.89
CA SER B 222 16.79 -4.60 -7.79
C SER B 222 17.37 -4.07 -9.10
N THR B 223 18.10 -2.95 -9.02
CA THR B 223 18.78 -2.43 -10.21
C THR B 223 20.15 -3.08 -10.27
N PRO B 224 20.59 -3.50 -11.46
CA PRO B 224 19.94 -3.35 -12.77
C PRO B 224 18.87 -4.39 -13.08
N TYR B 225 17.68 -3.95 -13.52
CA TYR B 225 16.57 -4.85 -13.82
C TYR B 225 16.94 -5.87 -14.86
N THR B 226 16.37 -7.08 -14.75
CA THR B 226 16.72 -8.14 -15.66
C THR B 226 15.55 -8.88 -16.27
N PHE B 227 15.74 -9.38 -17.48
CA PHE B 227 14.72 -10.14 -18.17
C PHE B 227 15.19 -11.56 -18.29
N GLY B 228 14.24 -12.50 -18.41
CA GLY B 228 14.56 -13.91 -18.66
C GLY B 228 15.00 -14.07 -20.11
N GLY B 229 15.53 -15.23 -20.44
CA GLY B 229 15.96 -15.50 -21.82
C GLY B 229 14.86 -15.52 -22.86
N GLY B 230 13.64 -15.76 -22.42
CA GLY B 230 12.51 -15.87 -23.29
C GLY B 230 12.12 -17.31 -23.54
N THR B 231 10.87 -17.50 -23.97
CA THR B 231 10.28 -18.77 -24.32
C THR B 231 9.52 -18.50 -25.60
N LYS B 232 9.83 -19.27 -26.66
CA LYS B 232 9.20 -19.16 -27.96
C LYS B 232 8.04 -20.19 -28.00
N LEU B 233 6.79 -19.72 -27.88
CA LEU B 233 5.63 -20.60 -27.90
C LEU B 233 4.96 -20.64 -29.28
N GLU B 234 5.04 -21.82 -29.95
CA GLU B 234 4.43 -22.12 -31.23
C GLU B 234 3.08 -22.83 -31.04
N ILE B 235 2.05 -22.51 -31.85
CA ILE B 235 0.73 -23.12 -31.70
C ILE B 235 0.38 -24.00 -32.91
N ASN B 236 0.70 -25.31 -32.85
CA ASN B 236 0.36 -26.22 -33.95
C ASN B 236 -1.16 -26.49 -34.12
#